data_6JO3
#
_entry.id   6JO3
#
_cell.length_a   105.595
_cell.length_b   105.595
_cell.length_c   142.498
_cell.angle_alpha   90.00
_cell.angle_beta   90.00
_cell.angle_gamma   120.00
#
_symmetry.space_group_name_H-M   'P 65 2 2'
#
loop_
_entity.id
_entity.type
_entity.pdbx_description
1 polymer 'Geranylgeranylglyceryl phosphate synthase'
2 non-polymer SN-GLYCEROL-1-PHOSPHATE
3 water water
#
_entity_poly.entity_id   1
_entity_poly.type   'polypeptide(L)'
_entity_poly.pdbx_seq_one_letter_code
;MMTVLEDMLRKTRNGKVHMTLIDPGAKPPQECARIAEEAEMAGTDFIMVGGSTDIDSRAMDEAISAIKAKTDLKVIIFPG
SSLMISPKADAIFFMSLLNSGSLEYVVGHQVKAAIPLSAMKIEKIPMAYLVFDPGMTVGRVGKAHLIPRDDEKTALSYAL
AAQYFGFRLVYFEAGSGSPYHVGENVVRRVKQELDIPVIVGGGIRTPEAAKALAQAGADMIVTGTIAERSVNVYEALHPI
VESIKEVGISKIQ
;
_entity_poly.pdbx_strand_id   A
#
loop_
_chem_comp.id
_chem_comp.type
_chem_comp.name
_chem_comp.formula
1GP non-polymer SN-GLYCEROL-1-PHOSPHATE 'C3 H9 O6 P'
#
# COMPACT_ATOMS: atom_id res chain seq x y z
N MET A 1 10.29 -21.54 1.70
CA MET A 1 9.89 -20.23 2.23
C MET A 1 8.81 -19.60 1.35
N MET A 2 7.70 -19.23 1.99
CA MET A 2 6.58 -18.61 1.27
C MET A 2 6.96 -17.22 0.79
N THR A 3 6.53 -16.88 -0.42
CA THR A 3 6.68 -15.53 -0.91
C THR A 3 5.64 -14.61 -0.25
N VAL A 4 5.86 -13.30 -0.38
CA VAL A 4 4.92 -12.35 0.20
C VAL A 4 3.56 -12.45 -0.49
N LEU A 5 3.57 -12.65 -1.81
CA LEU A 5 2.32 -12.78 -2.55
C LEU A 5 1.54 -14.01 -2.10
N GLU A 6 2.22 -15.16 -2.01
CA GLU A 6 1.58 -16.36 -1.48
C GLU A 6 1.06 -16.12 -0.07
N ASP A 7 1.84 -15.39 0.75
CA ASP A 7 1.40 -15.06 2.10
C ASP A 7 0.12 -14.24 2.10
N MET A 8 0.05 -13.24 1.23
CA MET A 8 -1.14 -12.39 1.15
C MET A 8 -2.34 -13.19 0.67
N LEU A 9 -2.16 -13.98 -0.39
CA LEU A 9 -3.27 -14.76 -0.95
C LEU A 9 -3.79 -15.76 0.07
N ARG A 10 -2.91 -16.36 0.86
CA ARG A 10 -3.34 -17.28 1.90
C ARG A 10 -4.07 -16.54 3.01
N LYS A 11 -3.55 -15.38 3.42
CA LYS A 11 -4.16 -14.63 4.51
C LYS A 11 -5.49 -14.02 4.10
N THR A 12 -5.69 -13.73 2.81
CA THR A 12 -6.91 -13.08 2.36
C THR A 12 -7.97 -14.04 1.84
N ARG A 13 -7.63 -15.34 1.71
CA ARG A 13 -8.61 -16.30 1.20
C ARG A 13 -9.79 -16.42 2.15
N ASN A 14 -9.54 -16.45 3.47
CA ASN A 14 -10.63 -16.43 4.44
C ASN A 14 -10.39 -15.42 5.56
N GLY A 15 -9.56 -14.42 5.32
CA GLY A 15 -9.32 -13.40 6.32
C GLY A 15 -9.00 -12.05 5.71
N LYS A 16 -8.57 -11.10 6.52
CA LYS A 16 -8.18 -9.78 6.06
C LYS A 16 -6.75 -9.48 6.49
N VAL A 17 -6.13 -8.52 5.81
CA VAL A 17 -4.74 -8.15 6.03
C VAL A 17 -4.68 -6.67 6.39
N HIS A 18 -3.86 -6.34 7.39
CA HIS A 18 -3.52 -4.96 7.68
C HIS A 18 -2.05 -4.73 7.39
N MET A 19 -1.73 -3.60 6.78
CA MET A 19 -0.36 -3.25 6.45
C MET A 19 -0.08 -1.83 6.96
N THR A 20 1.13 -1.63 7.48
CA THR A 20 1.56 -0.35 8.02
C THR A 20 2.56 0.28 7.07
N LEU A 21 2.23 1.48 6.59
CA LEU A 21 3.07 2.21 5.66
C LEU A 21 3.90 3.25 6.41
N ILE A 22 5.21 3.26 6.17
CA ILE A 22 6.12 4.16 6.84
C ILE A 22 6.84 4.98 5.77
N ASP A 23 6.76 6.31 5.90
CA ASP A 23 7.47 7.24 5.02
C ASP A 23 8.89 7.41 5.54
N PRO A 24 9.90 6.87 4.85
CA PRO A 24 11.27 6.99 5.36
C PRO A 24 11.79 8.42 5.34
N GLY A 25 11.28 9.26 4.44
CA GLY A 25 11.71 10.64 4.39
C GLY A 25 11.02 11.57 5.36
N ALA A 26 10.07 11.07 6.15
CA ALA A 26 9.35 11.89 7.12
C ALA A 26 9.87 11.74 8.54
N LYS A 27 10.68 10.73 8.82
CA LYS A 27 11.19 10.47 10.16
C LYS A 27 12.59 9.92 10.04
N PRO A 28 13.41 10.07 11.08
CA PRO A 28 14.76 9.46 11.06
C PRO A 28 14.68 7.94 11.04
N PRO A 29 15.77 7.26 10.67
CA PRO A 29 15.69 5.80 10.48
C PRO A 29 15.20 5.03 11.70
N GLN A 30 15.82 5.22 12.87
CA GLN A 30 15.43 4.44 14.03
C GLN A 30 14.07 4.84 14.58
N GLU A 31 13.55 6.01 14.20
CA GLU A 31 12.16 6.32 14.50
C GLU A 31 11.22 5.50 13.62
N CYS A 32 11.62 5.27 12.37
CA CYS A 32 10.86 4.37 11.50
C CYS A 32 10.85 2.95 12.05
N ALA A 33 11.98 2.50 12.59
CA ALA A 33 12.05 1.15 13.16
C ALA A 33 11.15 1.02 14.36
N ARG A 34 11.08 2.07 15.20
CA ARG A 34 10.20 2.03 16.37
C ARG A 34 8.74 1.94 15.95
N ILE A 35 8.36 2.65 14.88
CA ILE A 35 7.00 2.59 14.38
C ILE A 35 6.67 1.18 13.92
N ALA A 36 7.58 0.57 13.15
CA ALA A 36 7.37 -0.81 12.69
C ALA A 36 7.36 -1.78 13.86
N GLU A 37 8.17 -1.52 14.89
CA GLU A 37 8.15 -2.36 16.09
C GLU A 37 6.77 -2.38 16.71
N GLU A 38 6.23 -1.20 17.04
CA GLU A 38 4.91 -1.12 17.66
C GLU A 38 3.81 -1.60 16.72
N ALA A 39 4.00 -1.41 15.41
CA ALA A 39 3.02 -1.91 14.46
C ALA A 39 2.96 -3.43 14.47
N GLU A 40 4.12 -4.09 14.56
CA GLU A 40 4.15 -5.54 14.61
C GLU A 40 3.36 -6.08 15.80
N MET A 41 3.50 -5.44 16.97
CA MET A 41 2.83 -5.96 18.15
C MET A 41 1.37 -5.53 18.18
N ALA A 42 1.02 -4.44 17.48
CA ALA A 42 -0.38 -4.14 17.27
C ALA A 42 -1.06 -5.20 16.41
N GLY A 43 -0.28 -6.02 15.71
CA GLY A 43 -0.82 -7.09 14.91
C GLY A 43 -0.74 -6.91 13.41
N THR A 44 0.06 -5.97 12.92
CA THR A 44 0.14 -5.72 11.48
C THR A 44 0.86 -6.88 10.78
N ASP A 45 0.50 -7.09 9.51
CA ASP A 45 0.99 -8.25 8.77
C ASP A 45 2.25 -7.95 7.97
N PHE A 46 2.35 -6.75 7.39
CA PHE A 46 3.50 -6.37 6.58
C PHE A 46 3.82 -4.91 6.81
N ILE A 47 5.08 -4.56 6.61
CA ILE A 47 5.55 -3.17 6.65
C ILE A 47 5.72 -2.68 5.22
N MET A 48 5.10 -1.56 4.90
CA MET A 48 5.30 -0.89 3.62
C MET A 48 6.18 0.34 3.84
N VAL A 49 7.11 0.56 2.91
CA VAL A 49 8.05 1.68 3.00
C VAL A 49 7.96 2.47 1.70
N GLY A 50 7.70 3.76 1.82
CA GLY A 50 7.55 4.63 0.67
C GLY A 50 6.76 5.86 1.04
N GLY A 51 6.69 6.80 0.10
CA GLY A 51 5.94 8.01 0.35
C GLY A 51 6.23 9.06 -0.71
N SER A 52 5.79 10.28 -0.40
CA SER A 52 5.87 11.40 -1.33
C SER A 52 7.12 12.26 -1.11
N THR A 53 7.50 12.48 0.14
CA THR A 53 8.74 13.19 0.43
C THR A 53 9.90 12.45 -0.20
N ASP A 54 10.64 13.13 -1.08
CA ASP A 54 11.69 12.47 -1.83
C ASP A 54 12.76 11.91 -0.91
N ILE A 55 13.37 10.81 -1.34
CA ILE A 55 14.25 10.02 -0.49
C ILE A 55 15.68 10.12 -0.99
N ASP A 56 16.61 9.99 -0.04
CA ASP A 56 18.01 9.74 -0.36
C ASP A 56 18.22 8.23 -0.40
N SER A 57 18.86 7.75 -1.47
CA SER A 57 19.11 6.31 -1.59
C SER A 57 19.93 5.80 -0.42
N ARG A 58 20.87 6.61 0.07
CA ARG A 58 21.63 6.24 1.25
C ARG A 58 20.73 6.22 2.49
N ALA A 59 19.73 7.09 2.53
CA ALA A 59 18.87 7.19 3.70
C ALA A 59 17.81 6.10 3.75
N MET A 60 17.30 5.66 2.60
CA MET A 60 16.26 4.64 2.62
C MET A 60 16.82 3.26 2.93
N ASP A 61 18.05 2.97 2.50
CA ASP A 61 18.71 1.73 2.91
C ASP A 61 18.86 1.70 4.43
N GLU A 62 19.14 2.85 5.04
CA GLU A 62 19.25 2.92 6.50
C GLU A 62 17.92 2.57 7.17
N ALA A 63 16.82 3.17 6.71
CA ALA A 63 15.54 2.96 7.35
C ALA A 63 15.06 1.52 7.18
N ILE A 64 15.33 0.92 6.02
CA ILE A 64 14.90 -0.45 5.78
C ILE A 64 15.67 -1.43 6.67
N SER A 65 16.99 -1.25 6.76
CA SER A 65 17.79 -2.10 7.63
C SER A 65 17.41 -1.90 9.10
N ALA A 66 17.11 -0.66 9.49
CA ALA A 66 16.69 -0.40 10.86
C ALA A 66 15.38 -1.12 11.17
N ILE A 67 14.45 -1.12 10.21
CA ILE A 67 13.17 -1.81 10.42
C ILE A 67 13.39 -3.32 10.49
N LYS A 68 14.14 -3.87 9.53
CA LYS A 68 14.37 -5.32 9.50
C LYS A 68 15.21 -5.79 10.68
N ALA A 69 15.98 -4.90 11.31
CA ALA A 69 16.75 -5.29 12.48
C ALA A 69 15.88 -5.39 13.74
N LYS A 70 14.83 -4.57 13.83
CA LYS A 70 13.97 -4.54 15.00
C LYS A 70 12.69 -5.35 14.84
N THR A 71 12.34 -5.75 13.62
CA THR A 71 11.14 -6.51 13.37
C THR A 71 11.45 -7.71 12.49
N ASP A 72 10.61 -8.73 12.58
CA ASP A 72 10.71 -9.90 11.73
C ASP A 72 9.65 -9.93 10.64
N LEU A 73 8.92 -8.82 10.45
CA LEU A 73 7.94 -8.73 9.38
C LEU A 73 8.63 -8.46 8.05
N LYS A 74 7.99 -8.90 6.98
CA LYS A 74 8.52 -8.62 5.65
C LYS A 74 8.28 -7.16 5.30
N VAL A 75 9.25 -6.55 4.62
CA VAL A 75 9.20 -5.15 4.23
C VAL A 75 9.00 -5.08 2.72
N ILE A 76 7.98 -4.35 2.29
CA ILE A 76 7.64 -4.20 0.88
C ILE A 76 7.85 -2.74 0.49
N ILE A 77 8.54 -2.53 -0.63
CA ILE A 77 8.78 -1.18 -1.12
C ILE A 77 7.52 -0.68 -1.82
N PHE A 78 7.04 0.48 -1.40
CA PHE A 78 5.90 1.18 -1.96
C PHE A 78 6.44 2.31 -2.83
N PRO A 79 6.78 2.03 -4.10
CA PRO A 79 7.66 2.94 -4.83
C PRO A 79 6.95 4.21 -5.29
N GLY A 80 7.76 5.27 -5.41
CA GLY A 80 7.36 6.48 -6.08
C GLY A 80 8.14 6.68 -7.36
N SER A 81 8.29 7.96 -7.74
CA SER A 81 9.07 8.27 -8.94
C SER A 81 10.56 8.10 -8.72
N SER A 82 11.01 7.98 -7.47
CA SER A 82 12.42 8.11 -7.12
C SER A 82 13.25 6.88 -7.44
N LEU A 83 12.67 5.84 -8.05
CA LEU A 83 13.35 4.56 -8.23
C LEU A 83 13.84 4.05 -6.87
N MET A 84 12.89 3.91 -5.95
CA MET A 84 13.21 3.58 -4.57
C MET A 84 13.59 2.13 -4.39
N ILE A 85 14.39 1.58 -5.31
CA ILE A 85 14.79 0.19 -5.24
C ILE A 85 15.99 0.05 -4.31
N SER A 86 15.89 -0.87 -3.35
CA SER A 86 16.91 -1.12 -2.35
C SER A 86 17.04 -2.62 -2.15
N PRO A 87 18.27 -3.13 -2.03
CA PRO A 87 18.44 -4.59 -1.93
C PRO A 87 18.02 -5.14 -0.58
N LYS A 88 17.87 -4.31 0.44
CA LYS A 88 17.59 -4.77 1.79
C LYS A 88 16.10 -5.03 2.06
N ALA A 89 15.25 -4.84 1.07
CA ALA A 89 13.83 -5.09 1.26
C ALA A 89 13.46 -6.50 0.77
N ASP A 90 12.35 -7.01 1.29
CA ASP A 90 11.93 -8.36 0.93
C ASP A 90 11.18 -8.39 -0.40
N ALA A 91 10.35 -7.37 -0.65
CA ALA A 91 9.54 -7.35 -1.86
C ALA A 91 9.34 -5.90 -2.30
N ILE A 92 8.83 -5.74 -3.52
CA ILE A 92 8.50 -4.44 -4.07
C ILE A 92 7.19 -4.57 -4.84
N PHE A 93 6.28 -3.62 -4.63
CA PHE A 93 5.06 -3.55 -5.43
C PHE A 93 5.44 -3.01 -6.80
N PHE A 94 5.55 -3.91 -7.79
CA PHE A 94 5.81 -3.48 -9.16
C PHE A 94 4.50 -2.96 -9.73
N MET A 95 4.24 -1.67 -9.50
CA MET A 95 2.92 -1.10 -9.69
C MET A 95 2.85 -0.18 -10.90
N SER A 96 1.63 -0.04 -11.40
CA SER A 96 1.31 0.86 -12.49
C SER A 96 0.14 1.75 -12.08
N LEU A 97 0.32 3.07 -12.18
CA LEU A 97 -0.75 4.02 -11.92
C LEU A 97 -1.62 4.07 -13.17
N LEU A 98 -2.63 3.20 -13.20
CA LEU A 98 -3.37 2.97 -14.44
C LEU A 98 -4.12 4.20 -14.93
N ASN A 99 -4.61 5.03 -14.01
CA ASN A 99 -5.38 6.22 -14.38
C ASN A 99 -4.54 7.48 -14.40
N SER A 100 -3.23 7.34 -14.60
CA SER A 100 -2.36 8.51 -14.70
C SER A 100 -2.42 9.10 -16.10
N GLY A 101 -2.23 10.42 -16.17
CA GLY A 101 -2.15 11.11 -17.43
C GLY A 101 -0.78 11.14 -18.06
N SER A 102 0.22 10.52 -17.41
CA SER A 102 1.59 10.51 -17.91
C SER A 102 2.05 9.08 -18.12
N LEU A 103 2.68 8.83 -19.27
CA LEU A 103 3.20 7.50 -19.57
C LEU A 103 4.25 7.07 -18.55
N GLU A 104 4.95 8.02 -17.94
CA GLU A 104 6.05 7.69 -17.05
C GLU A 104 5.57 6.93 -15.81
N TYR A 105 4.35 7.22 -15.35
CA TYR A 105 3.81 6.56 -14.18
C TYR A 105 2.96 5.34 -14.52
N VAL A 106 2.63 5.15 -15.79
CA VAL A 106 1.93 3.93 -16.22
C VAL A 106 2.92 2.82 -16.57
N VAL A 107 4.01 3.17 -17.27
CA VAL A 107 4.93 2.17 -17.80
C VAL A 107 6.36 2.69 -17.81
N GLY A 108 6.52 4.01 -17.93
CA GLY A 108 7.83 4.62 -18.10
C GLY A 108 8.87 4.30 -17.03
N HIS A 109 8.58 4.65 -15.77
CA HIS A 109 9.54 4.39 -14.70
C HIS A 109 9.74 2.90 -14.50
N GLN A 110 8.70 2.09 -14.73
CA GLN A 110 8.80 0.65 -14.48
C GLN A 110 9.71 -0.02 -15.49
N VAL A 111 9.68 0.43 -16.75
CA VAL A 111 10.58 -0.13 -17.75
C VAL A 111 12.03 0.22 -17.42
N LYS A 112 12.27 1.44 -16.94
CA LYS A 112 13.62 1.85 -16.57
C LYS A 112 14.16 1.03 -15.39
N ALA A 113 13.29 0.65 -14.46
CA ALA A 113 13.72 -0.09 -13.27
C ALA A 113 13.77 -1.59 -13.48
N ALA A 114 13.35 -2.08 -14.65
CA ALA A 114 13.13 -3.51 -14.81
C ALA A 114 14.45 -4.30 -14.75
N ILE A 115 15.45 -3.87 -15.52
CA ILE A 115 16.72 -4.59 -15.58
C ILE A 115 17.45 -4.52 -14.24
N PRO A 116 17.56 -3.35 -13.59
CA PRO A 116 18.16 -3.36 -12.24
C PRO A 116 17.43 -4.25 -11.26
N LEU A 117 16.10 -4.32 -11.35
CA LEU A 117 15.34 -5.20 -10.47
C LEU A 117 15.64 -6.66 -10.74
N SER A 118 15.88 -7.01 -12.02
CA SER A 118 16.18 -8.40 -12.37
C SER A 118 17.49 -8.87 -11.77
N ALA A 119 18.39 -7.94 -11.42
CA ALA A 119 19.65 -8.31 -10.78
C ALA A 119 19.52 -8.50 -9.27
N MET A 120 18.34 -8.28 -8.71
CA MET A 120 18.09 -8.43 -7.29
C MET A 120 17.17 -9.62 -7.04
N LYS A 121 17.35 -10.28 -5.91
CA LYS A 121 16.47 -11.37 -5.51
C LYS A 121 15.21 -10.87 -4.81
N ILE A 122 15.01 -9.55 -4.76
CA ILE A 122 13.80 -9.00 -4.18
C ILE A 122 12.58 -9.49 -4.96
N GLU A 123 11.49 -9.77 -4.24
CA GLU A 123 10.28 -10.28 -4.86
C GLU A 123 9.52 -9.15 -5.55
N LYS A 124 9.09 -9.40 -6.79
CA LYS A 124 8.33 -8.43 -7.56
C LYS A 124 6.86 -8.83 -7.53
N ILE A 125 6.03 -7.96 -6.96
CA ILE A 125 4.60 -8.22 -6.79
C ILE A 125 3.85 -7.30 -7.75
N PRO A 126 3.16 -7.83 -8.76
CA PRO A 126 2.43 -6.97 -9.71
C PRO A 126 1.16 -6.42 -9.05
N MET A 127 1.03 -5.09 -9.09
CA MET A 127 -0.10 -4.43 -8.46
C MET A 127 -0.57 -3.28 -9.31
N ALA A 128 -1.89 -3.14 -9.44
CA ALA A 128 -2.47 -1.98 -10.11
C ALA A 128 -2.78 -0.90 -9.09
N TYR A 129 -2.36 0.32 -9.38
CA TYR A 129 -2.43 1.44 -8.46
C TYR A 129 -3.46 2.44 -9.01
N LEU A 130 -4.63 2.48 -8.40
CA LEU A 130 -5.72 3.36 -8.83
C LEU A 130 -5.88 4.48 -7.80
N VAL A 131 -5.75 5.73 -8.27
CA VAL A 131 -5.74 6.90 -7.41
C VAL A 131 -7.11 7.57 -7.48
N PHE A 132 -7.81 7.60 -6.35
CA PHE A 132 -9.13 8.19 -6.23
C PHE A 132 -9.03 9.62 -5.70
N ASP A 133 -10.10 10.37 -5.93
CA ASP A 133 -10.25 11.68 -5.31
C ASP A 133 -10.12 11.55 -3.79
N PRO A 134 -9.44 12.49 -3.11
CA PRO A 134 -8.81 13.71 -3.61
C PRO A 134 -7.38 13.49 -4.13
N GLY A 135 -6.83 12.29 -3.90
CA GLY A 135 -5.54 11.95 -4.44
C GLY A 135 -4.35 12.48 -3.65
N MET A 136 -4.50 13.65 -3.04
CA MET A 136 -3.44 14.29 -2.27
C MET A 136 -2.17 14.44 -3.09
N THR A 137 -1.02 14.15 -2.49
CA THR A 137 0.24 14.40 -3.17
C THR A 137 0.48 13.39 -4.30
N VAL A 138 0.19 12.11 -4.07
CA VAL A 138 0.46 11.10 -5.10
C VAL A 138 -0.42 11.35 -6.33
N GLY A 139 -1.64 11.84 -6.12
CA GLY A 139 -2.48 12.17 -7.26
C GLY A 139 -1.99 13.37 -8.03
N ARG A 140 -1.35 14.32 -7.33
CA ARG A 140 -0.76 15.48 -8.00
C ARG A 140 0.51 15.09 -8.74
N VAL A 141 1.45 14.47 -8.05
CA VAL A 141 2.73 14.11 -8.68
C VAL A 141 2.52 13.08 -9.78
N GLY A 142 1.60 12.13 -9.54
CA GLY A 142 1.31 11.11 -10.52
C GLY A 142 0.44 11.53 -11.68
N LYS A 143 0.01 12.79 -11.72
CA LYS A 143 -0.83 13.30 -12.81
C LYS A 143 -2.08 12.45 -12.99
N ALA A 144 -2.68 12.06 -11.87
CA ALA A 144 -3.80 11.12 -11.90
C ALA A 144 -5.07 11.80 -12.39
N HIS A 145 -5.77 11.13 -13.31
CA HIS A 145 -7.15 11.48 -13.63
C HIS A 145 -8.00 10.87 -12.53
N LEU A 146 -8.28 11.69 -11.51
CA LEU A 146 -8.81 11.18 -10.25
C LEU A 146 -10.16 10.51 -10.43
N ILE A 147 -10.30 9.30 -9.92
CA ILE A 147 -11.58 8.60 -9.92
C ILE A 147 -12.42 9.12 -8.76
N PRO A 148 -13.66 9.55 -8.98
CA PRO A 148 -14.52 9.95 -7.87
C PRO A 148 -14.67 8.80 -6.87
N ARG A 149 -14.76 9.16 -5.58
CA ARG A 149 -14.75 8.16 -4.52
C ARG A 149 -15.96 7.24 -4.55
N ASP A 150 -17.03 7.63 -5.22
CA ASP A 150 -18.23 6.82 -5.33
C ASP A 150 -18.48 6.31 -6.74
N ASP A 151 -17.53 6.50 -7.65
CA ASP A 151 -17.68 6.12 -9.05
C ASP A 151 -17.43 4.62 -9.16
N GLU A 152 -18.51 3.84 -9.11
CA GLU A 152 -18.38 2.39 -9.21
C GLU A 152 -17.93 1.95 -10.60
N LYS A 153 -18.48 2.58 -11.65
CA LYS A 153 -18.22 2.11 -13.00
C LYS A 153 -16.77 2.34 -13.41
N THR A 154 -16.24 3.55 -13.17
CA THR A 154 -14.87 3.82 -13.55
C THR A 154 -13.89 2.96 -12.79
N ALA A 155 -14.12 2.78 -11.48
CA ALA A 155 -13.26 1.89 -10.69
C ALA A 155 -13.35 0.46 -11.20
N LEU A 156 -14.54 0.00 -11.57
CA LEU A 156 -14.71 -1.35 -12.09
C LEU A 156 -13.95 -1.54 -13.39
N SER A 157 -13.98 -0.53 -14.27
CA SER A 157 -13.27 -0.61 -15.53
C SER A 157 -11.77 -0.78 -15.31
N TYR A 158 -11.20 0.04 -14.42
CA TYR A 158 -9.77 -0.05 -14.16
C TYR A 158 -9.41 -1.35 -13.44
N ALA A 159 -10.23 -1.75 -12.47
CA ALA A 159 -9.94 -2.98 -11.74
C ALA A 159 -10.03 -4.19 -12.64
N LEU A 160 -11.04 -4.25 -13.52
CA LEU A 160 -11.16 -5.37 -14.45
C LEU A 160 -10.01 -5.38 -15.44
N ALA A 161 -9.64 -4.21 -15.98
CA ALA A 161 -8.50 -4.16 -16.89
C ALA A 161 -7.22 -4.59 -16.19
N ALA A 162 -7.10 -4.26 -14.90
CA ALA A 162 -5.96 -4.72 -14.12
C ALA A 162 -5.91 -6.25 -14.07
N GLN A 163 -7.04 -6.87 -13.77
CA GLN A 163 -7.09 -8.33 -13.71
C GLN A 163 -6.80 -8.95 -15.07
N TYR A 164 -7.38 -8.39 -16.13
CA TYR A 164 -7.17 -8.92 -17.48
C TYR A 164 -5.75 -8.68 -17.97
N PHE A 165 -5.05 -7.68 -17.42
CA PHE A 165 -3.64 -7.47 -17.74
C PHE A 165 -2.73 -8.47 -17.04
N GLY A 166 -3.23 -9.17 -16.03
CA GLY A 166 -2.44 -10.11 -15.27
C GLY A 166 -1.99 -9.62 -13.92
N PHE A 167 -2.39 -8.42 -13.51
CA PHE A 167 -2.02 -7.91 -12.19
C PHE A 167 -2.61 -8.81 -11.11
N ARG A 168 -1.83 -9.03 -10.05
CA ARG A 168 -2.23 -9.91 -8.97
C ARG A 168 -2.92 -9.20 -7.83
N LEU A 169 -2.74 -7.88 -7.71
CA LEU A 169 -3.44 -7.08 -6.72
C LEU A 169 -3.87 -5.77 -7.36
N VAL A 170 -4.91 -5.17 -6.79
CA VAL A 170 -5.34 -3.83 -7.17
C VAL A 170 -5.43 -2.99 -5.90
N TYR A 171 -4.98 -1.74 -6.00
CA TYR A 171 -4.85 -0.85 -4.86
C TYR A 171 -5.74 0.37 -5.08
N PHE A 172 -6.71 0.57 -4.19
CA PHE A 172 -7.57 1.75 -4.23
C PHE A 172 -6.95 2.81 -3.33
N GLU A 173 -6.37 3.84 -3.94
CA GLU A 173 -5.60 4.85 -3.22
C GLU A 173 -6.38 6.17 -3.20
N ALA A 174 -6.65 6.67 -2.00
CA ALA A 174 -7.25 7.98 -1.85
C ALA A 174 -6.22 9.08 -1.62
N GLY A 175 -4.97 8.72 -1.35
CA GLY A 175 -3.91 9.68 -1.09
C GLY A 175 -3.53 9.67 0.38
N SER A 176 -2.24 9.85 0.64
CA SER A 176 -1.76 9.87 2.01
C SER A 176 -2.27 11.12 2.73
N GLY A 177 -2.83 10.92 3.92
CA GLY A 177 -3.38 12.04 4.67
C GLY A 177 -4.67 12.59 4.10
N SER A 178 -5.37 11.80 3.29
CA SER A 178 -6.62 12.27 2.71
C SER A 178 -7.70 12.33 3.79
N PRO A 179 -8.56 13.36 3.77
CA PRO A 179 -9.66 13.40 4.75
C PRO A 179 -10.74 12.36 4.50
N TYR A 180 -10.85 11.86 3.28
CA TYR A 180 -11.84 10.84 2.94
C TYR A 180 -11.14 9.58 2.45
N HIS A 181 -11.76 8.44 2.71
CA HIS A 181 -11.33 7.17 2.13
C HIS A 181 -12.25 6.80 0.98
N VAL A 182 -11.85 5.76 0.24
CA VAL A 182 -12.63 5.32 -0.92
C VAL A 182 -14.01 4.86 -0.45
N GLY A 183 -15.02 5.15 -1.28
CA GLY A 183 -16.38 4.80 -0.90
C GLY A 183 -16.55 3.29 -0.79
N GLU A 184 -17.38 2.88 0.18
CA GLU A 184 -17.61 1.46 0.40
C GLU A 184 -18.42 0.85 -0.74
N ASN A 185 -19.26 1.64 -1.41
CA ASN A 185 -20.00 1.13 -2.55
C ASN A 185 -19.08 0.77 -3.71
N VAL A 186 -17.98 1.50 -3.87
CA VAL A 186 -17.00 1.18 -4.90
C VAL A 186 -16.34 -0.15 -4.58
N VAL A 187 -15.90 -0.34 -3.34
CA VAL A 187 -15.32 -1.60 -2.92
C VAL A 187 -16.33 -2.73 -3.07
N ARG A 188 -17.58 -2.47 -2.70
CA ARG A 188 -18.63 -3.49 -2.77
C ARG A 188 -18.89 -3.92 -4.21
N ARG A 189 -19.00 -2.96 -5.12
CA ARG A 189 -19.32 -3.28 -6.51
C ARG A 189 -18.19 -4.05 -7.18
N VAL A 190 -16.93 -3.64 -6.93
CA VAL A 190 -15.81 -4.30 -7.57
C VAL A 190 -15.63 -5.72 -7.03
N LYS A 191 -15.86 -5.92 -5.72
CA LYS A 191 -15.69 -7.24 -5.12
C LYS A 191 -16.69 -8.25 -5.67
N GLN A 192 -17.76 -7.79 -6.34
CA GLN A 192 -18.69 -8.72 -6.96
C GLN A 192 -18.11 -9.33 -8.23
N GLU A 193 -17.22 -8.62 -8.91
CA GLU A 193 -16.79 -8.98 -10.25
C GLU A 193 -15.31 -9.30 -10.37
N LEU A 194 -14.53 -9.17 -9.31
CA LEU A 194 -13.08 -9.28 -9.39
C LEU A 194 -12.60 -10.56 -8.71
N ASP A 195 -11.51 -11.12 -9.25
CA ASP A 195 -10.91 -12.33 -8.74
C ASP A 195 -9.59 -12.09 -8.03
N ILE A 196 -9.10 -10.85 -7.98
CA ILE A 196 -7.83 -10.55 -7.33
C ILE A 196 -8.10 -9.75 -6.07
N PRO A 197 -7.22 -9.81 -5.06
CA PRO A 197 -7.48 -9.07 -3.83
C PRO A 197 -7.51 -7.56 -4.04
N VAL A 198 -8.35 -6.88 -3.26
CA VAL A 198 -8.52 -5.44 -3.32
C VAL A 198 -7.89 -4.83 -2.07
N ILE A 199 -6.98 -3.89 -2.26
CA ILE A 199 -6.30 -3.20 -1.17
C ILE A 199 -6.79 -1.76 -1.15
N VAL A 200 -7.15 -1.27 0.03
CA VAL A 200 -7.67 0.08 0.20
C VAL A 200 -6.75 0.85 1.13
N GLY A 201 -6.29 2.02 0.69
CA GLY A 201 -5.46 2.87 1.52
C GLY A 201 -5.81 4.32 1.29
N GLY A 202 -5.48 5.15 2.29
CA GLY A 202 -5.74 6.57 2.20
C GLY A 202 -6.93 7.02 3.02
N GLY A 203 -6.67 7.77 4.08
CA GLY A 203 -7.73 8.34 4.89
C GLY A 203 -8.34 7.43 5.93
N ILE A 204 -7.71 6.29 6.20
CA ILE A 204 -8.21 5.34 7.18
C ILE A 204 -7.50 5.63 8.51
N ARG A 205 -8.21 6.31 9.42
CA ARG A 205 -7.65 6.70 10.70
C ARG A 205 -8.27 6.00 11.89
N THR A 206 -9.48 5.46 11.74
CA THR A 206 -10.25 4.93 12.86
C THR A 206 -10.60 3.47 12.63
N PRO A 207 -10.79 2.70 13.71
CA PRO A 207 -11.26 1.31 13.53
C PRO A 207 -12.59 1.21 12.81
N GLU A 208 -13.48 2.19 13.03
CA GLU A 208 -14.80 2.15 12.38
C GLU A 208 -14.67 2.21 10.87
N ALA A 209 -13.77 3.05 10.36
CA ALA A 209 -13.57 3.12 8.91
C ALA A 209 -12.88 1.87 8.39
N ALA A 210 -11.89 1.36 9.13
CA ALA A 210 -11.20 0.15 8.70
C ALA A 210 -12.16 -1.04 8.68
N LYS A 211 -13.04 -1.14 9.68
CA LYS A 211 -14.00 -2.23 9.71
C LYS A 211 -15.05 -2.09 8.62
N ALA A 212 -15.55 -0.87 8.40
CA ALA A 212 -16.56 -0.65 7.38
C ALA A 212 -16.03 -0.97 5.99
N LEU A 213 -14.75 -0.66 5.73
CA LEU A 213 -14.17 -0.96 4.44
C LEU A 213 -13.92 -2.46 4.29
N ALA A 214 -13.48 -3.13 5.36
CA ALA A 214 -13.30 -4.57 5.32
C ALA A 214 -14.62 -5.29 5.14
N GLN A 215 -15.67 -4.84 5.84
CA GLN A 215 -17.00 -5.42 5.66
C GLN A 215 -17.53 -5.16 4.26
N ALA A 216 -17.11 -4.07 3.62
CA ALA A 216 -17.51 -3.79 2.25
C ALA A 216 -16.89 -4.75 1.25
N GLY A 217 -15.83 -5.46 1.63
CA GLY A 217 -15.22 -6.43 0.76
C GLY A 217 -13.72 -6.28 0.60
N ALA A 218 -13.15 -5.21 1.15
CA ALA A 218 -11.72 -4.99 1.03
C ALA A 218 -10.95 -6.10 1.70
N ASP A 219 -9.95 -6.64 1.00
CA ASP A 219 -9.15 -7.74 1.53
C ASP A 219 -7.96 -7.26 2.36
N MET A 220 -7.43 -6.07 2.06
CA MET A 220 -6.31 -5.52 2.81
C MET A 220 -6.57 -4.05 3.10
N ILE A 221 -6.11 -3.60 4.28
CA ILE A 221 -6.24 -2.22 4.70
C ILE A 221 -4.85 -1.67 5.01
N VAL A 222 -4.54 -0.51 4.43
CA VAL A 222 -3.26 0.15 4.64
C VAL A 222 -3.50 1.41 5.46
N THR A 223 -2.71 1.59 6.52
CA THR A 223 -2.71 2.82 7.31
C THR A 223 -1.30 3.37 7.36
N GLY A 224 -1.14 4.63 6.99
CA GLY A 224 0.17 5.26 7.03
C GLY A 224 0.22 6.45 7.97
N THR A 225 -0.64 7.44 7.71
CA THR A 225 -0.61 8.68 8.49
C THR A 225 -0.85 8.41 9.97
N ILE A 226 -1.82 7.56 10.29
CA ILE A 226 -2.18 7.34 11.70
C ILE A 226 -1.07 6.61 12.46
N ALA A 227 -0.16 5.95 11.75
CA ALA A 227 0.96 5.28 12.41
C ALA A 227 2.18 6.19 12.55
N GLU A 228 2.40 7.09 11.60
CA GLU A 228 3.57 7.97 11.65
C GLU A 228 3.34 9.22 12.48
N ARG A 229 2.09 9.55 12.80
CA ARG A 229 1.77 10.79 13.50
C ARG A 229 1.14 10.55 14.86
N SER A 230 1.16 9.32 15.35
CA SER A 230 0.73 9.00 16.71
C SER A 230 1.95 8.85 17.61
N VAL A 231 1.89 9.48 18.79
CA VAL A 231 3.02 9.41 19.74
C VAL A 231 3.09 8.03 20.37
N ASN A 232 1.96 7.35 20.49
CA ASN A 232 1.92 5.94 20.83
C ASN A 232 1.31 5.19 19.66
N VAL A 233 2.15 4.48 18.91
CA VAL A 233 1.71 3.78 17.71
C VAL A 233 0.85 2.58 18.07
N TYR A 234 1.16 1.91 19.18
CA TYR A 234 0.45 0.68 19.53
C TYR A 234 -1.03 0.95 19.78
N GLU A 235 -1.34 1.90 20.66
CA GLU A 235 -2.73 2.17 21.01
C GLU A 235 -3.51 2.80 19.86
N ALA A 236 -2.85 3.28 18.82
CA ALA A 236 -3.55 3.77 17.65
C ALA A 236 -3.84 2.65 16.67
N LEU A 237 -2.87 1.76 16.46
CA LEU A 237 -2.99 0.71 15.44
C LEU A 237 -3.68 -0.54 15.95
N HIS A 238 -3.51 -0.89 17.23
CA HIS A 238 -4.10 -2.12 17.76
C HIS A 238 -5.62 -2.17 17.61
N PRO A 239 -6.39 -1.11 17.91
CA PRO A 239 -7.84 -1.21 17.66
C PRO A 239 -8.18 -1.31 16.18
N ILE A 240 -7.37 -0.74 15.30
CA ILE A 240 -7.62 -0.85 13.86
C ILE A 240 -7.39 -2.29 13.40
N VAL A 241 -6.29 -2.90 13.85
CA VAL A 241 -6.00 -4.28 13.48
C VAL A 241 -7.06 -5.22 14.04
N GLU A 242 -7.53 -4.95 15.26
CA GLU A 242 -8.52 -5.82 15.89
C GLU A 242 -9.87 -5.75 15.18
N SER A 243 -10.34 -4.52 14.90
CA SER A 243 -11.62 -4.35 14.22
C SER A 243 -11.63 -4.97 12.83
N ILE A 244 -10.46 -5.11 12.20
CA ILE A 244 -10.40 -5.73 10.87
C ILE A 244 -10.53 -7.24 10.98
N LYS A 245 -9.99 -7.84 12.05
CA LYS A 245 -10.00 -9.29 12.20
C LYS A 245 -11.38 -9.79 12.65
N GLU A 246 -12.19 -8.90 13.27
CA GLU A 246 -13.60 -9.19 13.51
C GLU A 246 -14.35 -9.50 12.22
N VAL A 247 -13.81 -9.11 11.07
CA VAL A 247 -14.41 -9.40 9.77
C VAL A 247 -13.59 -10.46 9.05
C3 1GP B . -0.95 6.35 1.28
O3 1GP B . -2.66 4.68 1.04
C2 1GP B . -1.54 5.04 1.81
O2 1GP B . -0.06 6.08 0.23
C1 1GP B . -1.95 5.22 3.27
O1P 1GP B . -2.77 6.35 3.38
O2P 1GP B . -1.45 7.74 5.09
O3P 1GP B . -3.19 6.21 5.91
O4P 1GP B . -3.83 8.27 4.72
P 1GP B . -2.82 7.16 4.81
#